data_5IZ6
#
_entry.id   5IZ6
#
_cell.length_a   51.396
_cell.length_b   63.215
_cell.length_c   52.768
_cell.angle_alpha   90.00
_cell.angle_beta   95.61
_cell.angle_gamma   90.00
#
_symmetry.space_group_name_H-M   'P 1 21 1'
#
loop_
_entity.id
_entity.type
_entity.pdbx_description
1 polymer 'Adenomatous polyposis coli protein'
2 polymer PHQ-ALA-GLY-GLU-ALA-LEU-TYR-GLU-NH2
3 non-polymer 'SULFATE ION'
4 non-polymer DI(HYDROXYETHYL)ETHER
5 water water
#
loop_
_entity_poly.entity_id
_entity_poly.type
_entity_poly.pdbx_seq_one_letter_code
_entity_poly.pdbx_strand_id
1 'polypeptide(L)'
;MGHHHHHHMLHLLEQIRAYCETCWEWQEAHEPGMDQDKNPMPAPVEHQICPAVCVLMKLSFDEEHRHAMNELGGLQAIAE
LLQVDCEMYGLTNDHYSITLRRYAGMALTNLTFGDVANKATLCSMKGCMRALVAQLKSESEDLQQVIASVLRNLSWRADV
NSKKTLREVGSVKALMECALEVKKESTLKSVLSALWNLSAHCTENKADICAVDGALAFLVGTLTYRSQTNTLAIIESGGG
ILRNVSSLIATNEDHRQILRENNCLQTLLQHLKSHSLTIVSNACGTLWNLSARNPKDQEALWDMGAVSMLKNLIHSKHKM
IAMGSAAALRNLMANRPAKYKDANIMSPGSSLPS
;
A
2 'polypeptide(L)' (PHQ)AGEALYE(NH2) B
#
loop_
_chem_comp.id
_chem_comp.type
_chem_comp.name
_chem_comp.formula
NH2 non-polymer 'AMINO GROUP' 'H2 N'
PEG non-polymer DI(HYDROXYETHYL)ETHER 'C4 H10 O3'
PHQ non-polymer 'benzyl chlorocarbonate' 'C8 H7 Cl O2'
SO4 non-polymer 'SULFATE ION' 'O4 S -2'
#
# COMPACT_ATOMS: atom_id res chain seq x y z
N HIS A 6 18.30 -16.58 -23.36
CA HIS A 6 18.31 -17.07 -21.94
C HIS A 6 19.72 -17.47 -21.47
N HIS A 7 20.63 -17.76 -22.39
CA HIS A 7 22.08 -17.78 -22.08
C HIS A 7 22.52 -16.46 -21.45
N HIS A 8 21.97 -15.34 -21.94
CA HIS A 8 22.32 -14.01 -21.46
C HIS A 8 21.88 -13.85 -20.02
N MET A 9 20.60 -14.13 -19.79
CA MET A 9 19.99 -14.08 -18.47
C MET A 9 20.76 -14.95 -17.47
N LEU A 10 21.13 -16.15 -17.91
CA LEU A 10 21.91 -17.09 -17.12
C LEU A 10 23.26 -16.49 -16.73
N HIS A 11 23.93 -15.81 -17.65
CA HIS A 11 25.18 -15.12 -17.35
C HIS A 11 25.00 -13.95 -16.35
N LEU A 12 23.93 -13.18 -16.51
CA LEU A 12 23.68 -12.05 -15.60
C LEU A 12 23.42 -12.52 -14.16
N LEU A 13 22.64 -13.58 -14.02
CA LEU A 13 22.34 -14.14 -12.72
C LEU A 13 23.54 -14.77 -12.06
N GLU A 14 24.41 -15.38 -12.85
CA GLU A 14 25.70 -15.85 -12.36
C GLU A 14 26.60 -14.73 -11.81
N GLN A 15 26.66 -13.63 -12.53
CA GLN A 15 27.40 -12.48 -12.04
C GLN A 15 26.86 -12.03 -10.69
N ILE A 16 25.54 -11.97 -10.58
CA ILE A 16 24.90 -11.51 -9.35
C ILE A 16 25.16 -12.48 -8.20
N ARG A 17 25.01 -13.79 -8.44
CA ARG A 17 25.26 -14.80 -7.41
C ARG A 17 26.71 -14.79 -6.98
N ALA A 18 27.64 -14.62 -7.93
CA ALA A 18 29.07 -14.58 -7.58
C ALA A 18 29.38 -13.38 -6.69
N TYR A 19 28.83 -12.22 -7.06
CA TYR A 19 29.03 -11.02 -6.28
C TYR A 19 28.47 -11.18 -4.86
N CYS A 20 27.23 -11.66 -4.75
CA CYS A 20 26.64 -11.94 -3.43
C CYS A 20 27.51 -12.88 -2.57
N GLU A 21 28.00 -13.97 -3.17
CA GLU A 21 28.89 -14.91 -2.47
C GLU A 21 30.11 -14.19 -1.90
N THR A 22 30.76 -13.39 -2.75
CA THR A 22 31.85 -12.54 -2.29
C THR A 22 31.42 -11.67 -1.12
N CYS A 23 30.24 -11.04 -1.19
CA CYS A 23 29.72 -10.23 -0.08
C CYS A 23 29.52 -11.07 1.19
N TRP A 24 28.86 -12.22 1.03
CA TRP A 24 28.63 -13.10 2.17
C TRP A 24 29.95 -13.56 2.78
N GLU A 25 30.93 -13.90 1.94
CA GLU A 25 32.28 -14.21 2.43
C GLU A 25 32.87 -13.08 3.30
N TRP A 26 32.80 -11.84 2.83
CA TRP A 26 33.30 -10.70 3.59
C TRP A 26 32.54 -10.49 4.93
N GLN A 27 31.22 -10.67 4.90
CA GLN A 27 30.41 -10.56 6.12
C GLN A 27 30.83 -11.64 7.13
N GLU A 28 30.97 -12.89 6.66
CA GLU A 28 31.34 -14.03 7.51
C GLU A 28 32.72 -13.93 8.15
N ALA A 29 33.64 -13.22 7.50
CA ALA A 29 35.00 -13.02 8.04
C ALA A 29 35.07 -12.26 9.36
N HIS A 30 33.96 -11.65 9.79
CA HIS A 30 33.95 -10.73 10.92
C HIS A 30 33.46 -11.35 12.24
N ASN A 39 40.27 -9.71 1.10
CA ASN A 39 39.34 -9.40 2.19
C ASN A 39 38.90 -7.91 2.38
N PRO A 40 39.18 -6.97 1.43
CA PRO A 40 38.53 -5.65 1.58
C PRO A 40 37.02 -5.71 1.26
N MET A 41 36.28 -4.65 1.55
CA MET A 41 34.81 -4.67 1.48
C MET A 41 34.34 -4.61 0.01
N PRO A 42 33.55 -5.60 -0.46
CA PRO A 42 33.19 -5.57 -1.87
C PRO A 42 32.39 -4.33 -2.23
N ALA A 43 32.71 -3.75 -3.37
CA ALA A 43 32.00 -2.59 -3.89
C ALA A 43 31.34 -3.02 -5.19
N PRO A 44 30.00 -2.82 -5.29
CA PRO A 44 29.25 -3.16 -6.51
C PRO A 44 29.83 -2.61 -7.83
N VAL A 45 30.39 -1.40 -7.82
CA VAL A 45 30.96 -0.82 -9.05
C VAL A 45 32.07 -1.68 -9.63
N GLU A 46 32.86 -2.32 -8.79
CA GLU A 46 34.00 -3.12 -9.28
C GLU A 46 33.61 -4.42 -9.98
N HIS A 47 32.34 -4.83 -9.82
CA HIS A 47 31.83 -6.05 -10.45
C HIS A 47 30.72 -5.77 -11.47
N GLN A 48 30.56 -4.50 -11.83
CA GLN A 48 29.54 -4.05 -12.78
C GLN A 48 28.15 -4.62 -12.49
N ILE A 49 27.70 -4.49 -11.26
CA ILE A 49 26.42 -5.01 -10.86
C ILE A 49 25.26 -4.22 -11.46
N CYS A 50 25.45 -2.92 -11.59
CA CYS A 50 24.38 -2.02 -11.99
C CYS A 50 23.85 -2.29 -13.40
N PRO A 51 24.74 -2.41 -14.40
CA PRO A 51 24.27 -2.88 -15.72
C PRO A 51 23.59 -4.24 -15.70
N ALA A 52 24.09 -5.15 -14.88
CA ALA A 52 23.54 -6.50 -14.81
C ALA A 52 22.08 -6.51 -14.36
N VAL A 53 21.81 -5.84 -13.23
CA VAL A 53 20.44 -5.73 -12.73
C VAL A 53 19.59 -4.89 -13.64
N CYS A 54 20.17 -3.85 -14.23
CA CYS A 54 19.43 -3.02 -15.17
C CYS A 54 18.85 -3.87 -16.30
N VAL A 55 19.67 -4.74 -16.88
CA VAL A 55 19.23 -5.61 -17.98
C VAL A 55 18.14 -6.58 -17.51
N LEU A 56 18.34 -7.24 -16.37
CA LEU A 56 17.31 -8.17 -15.85
C LEU A 56 15.99 -7.48 -15.53
N MET A 57 16.10 -6.30 -14.93
CA MET A 57 14.93 -5.46 -14.71
C MET A 57 14.15 -5.26 -16.03
N LYS A 58 14.87 -4.91 -17.09
CA LYS A 58 14.22 -4.64 -18.36
C LYS A 58 13.60 -5.89 -18.92
N LEU A 59 14.33 -7.01 -18.88
CA LEU A 59 13.74 -8.26 -19.33
C LEU A 59 12.47 -8.59 -18.55
N SER A 60 12.50 -8.36 -17.23
CA SER A 60 11.41 -8.77 -16.33
C SER A 60 9.99 -8.20 -16.66
N PHE A 61 9.92 -7.14 -17.47
CA PHE A 61 8.63 -6.61 -17.99
C PHE A 61 7.95 -7.56 -18.96
N ASP A 62 8.72 -8.43 -19.59
CA ASP A 62 8.16 -9.41 -20.49
C ASP A 62 7.85 -10.73 -19.78
N GLU A 63 6.61 -11.19 -19.89
CA GLU A 63 6.16 -12.42 -19.23
C GLU A 63 6.95 -13.70 -19.55
N GLU A 64 7.36 -13.89 -20.80
N GLU A 64 7.33 -13.88 -20.83
CA GLU A 64 8.13 -15.07 -21.18
CA GLU A 64 8.16 -15.03 -21.27
C GLU A 64 9.54 -15.07 -20.58
C GLU A 64 9.51 -15.05 -20.56
N HIS A 65 10.19 -13.91 -20.58
CA HIS A 65 11.46 -13.72 -19.86
C HIS A 65 11.32 -13.94 -18.34
N ARG A 66 10.19 -13.53 -17.77
CA ARG A 66 9.98 -13.78 -16.35
C ARG A 66 10.01 -15.29 -16.05
N HIS A 67 9.33 -16.07 -16.89
CA HIS A 67 9.29 -17.51 -16.70
C HIS A 67 10.68 -18.11 -16.82
N ALA A 68 11.46 -17.66 -17.80
CA ALA A 68 12.87 -18.09 -17.88
C ALA A 68 13.63 -17.74 -16.58
N MET A 69 13.43 -16.51 -16.12
CA MET A 69 14.11 -15.96 -14.93
C MET A 69 13.76 -16.77 -13.70
N ASN A 70 12.48 -17.14 -13.58
CA ASN A 70 12.03 -17.95 -12.44
C ASN A 70 12.65 -19.36 -12.45
N GLU A 71 12.88 -19.95 -13.63
CA GLU A 71 13.57 -21.26 -13.72
C GLU A 71 14.97 -21.16 -13.12
N LEU A 72 15.58 -20.00 -13.25
CA LEU A 72 16.93 -19.74 -12.72
C LEU A 72 16.97 -19.19 -11.29
N GLY A 73 15.83 -19.16 -10.61
CA GLY A 73 15.76 -18.59 -9.25
C GLY A 73 16.13 -17.12 -9.21
N GLY A 74 15.71 -16.39 -10.24
CA GLY A 74 16.04 -14.97 -10.41
C GLY A 74 15.53 -14.05 -9.33
N LEU A 75 14.30 -14.32 -8.86
CA LEU A 75 13.75 -13.55 -7.76
C LEU A 75 14.63 -13.64 -6.51
N GLN A 76 14.97 -14.87 -6.14
N GLN A 76 14.97 -14.87 -6.11
CA GLN A 76 15.80 -15.15 -4.97
CA GLN A 76 15.84 -15.12 -4.96
C GLN A 76 17.17 -14.43 -5.06
C GLN A 76 17.15 -14.34 -5.08
N ALA A 77 17.78 -14.45 -6.24
CA ALA A 77 19.14 -13.87 -6.44
C ALA A 77 19.16 -12.35 -6.41
N ILE A 78 18.18 -11.75 -7.08
CA ILE A 78 18.00 -10.30 -7.09
C ILE A 78 17.62 -9.77 -5.68
N ALA A 79 16.79 -10.53 -4.97
CA ALA A 79 16.43 -10.15 -3.58
C ALA A 79 17.65 -10.24 -2.68
N GLU A 80 18.42 -11.32 -2.83
CA GLU A 80 19.66 -11.52 -2.04
C GLU A 80 20.67 -10.38 -2.26
N LEU A 81 20.77 -9.93 -3.50
CA LEU A 81 21.61 -8.78 -3.84
C LEU A 81 21.12 -7.50 -3.19
N LEU A 82 19.82 -7.24 -3.31
CA LEU A 82 19.22 -6.05 -2.70
C LEU A 82 19.51 -6.04 -1.20
N GLN A 83 19.23 -7.18 -0.55
CA GLN A 83 19.50 -7.36 0.88
C GLN A 83 20.96 -7.08 1.27
N VAL A 84 21.90 -7.72 0.58
CA VAL A 84 23.30 -7.62 1.01
C VAL A 84 23.86 -6.21 0.81
N ASP A 85 23.40 -5.49 -0.23
CA ASP A 85 23.85 -4.11 -0.42
C ASP A 85 23.32 -3.19 0.66
N CYS A 86 22.03 -3.31 0.99
CA CYS A 86 21.41 -2.56 2.09
C CYS A 86 22.09 -2.81 3.43
N GLU A 87 22.37 -4.07 3.74
CA GLU A 87 23.11 -4.47 4.91
C GLU A 87 24.52 -3.88 4.95
N MET A 88 25.21 -3.90 3.81
CA MET A 88 26.60 -3.47 3.77
C MET A 88 26.72 -1.96 3.87
N TYR A 89 25.90 -1.24 3.11
CA TYR A 89 26.05 0.21 2.99
C TYR A 89 24.96 1.05 3.63
N GLY A 90 23.86 0.41 4.06
CA GLY A 90 22.71 1.10 4.65
C GLY A 90 22.14 2.16 3.75
N LEU A 91 21.67 3.23 4.37
CA LEU A 91 21.21 4.43 3.68
C LEU A 91 22.29 5.50 3.63
N THR A 92 23.48 5.16 4.06
CA THR A 92 24.64 6.07 4.01
C THR A 92 25.50 5.60 2.81
N ASN A 93 24.86 5.65 1.64
CA ASN A 93 25.29 4.96 0.43
C ASN A 93 25.34 5.94 -0.77
N ASP A 94 26.10 5.56 -1.80
CA ASP A 94 26.24 6.37 -3.00
C ASP A 94 25.14 6.11 -4.04
N HIS A 95 25.17 6.89 -5.10
CA HIS A 95 24.19 6.81 -6.18
C HIS A 95 24.22 5.50 -6.93
N TYR A 96 25.41 4.90 -7.06
CA TYR A 96 25.50 3.58 -7.70
C TYR A 96 24.62 2.56 -6.97
N SER A 97 24.71 2.61 -5.63
CA SER A 97 23.94 1.73 -4.76
C SER A 97 22.43 2.03 -4.82
N ILE A 98 22.06 3.31 -4.82
CA ILE A 98 20.67 3.74 -4.99
C ILE A 98 20.11 3.18 -6.31
N THR A 99 20.88 3.37 -7.37
CA THR A 99 20.48 2.97 -8.71
C THR A 99 20.23 1.48 -8.75
N LEU A 100 21.22 0.76 -8.25
CA LEU A 100 21.16 -0.70 -8.06
C LEU A 100 19.91 -1.19 -7.32
N ARG A 101 19.55 -0.51 -6.23
CA ARG A 101 18.39 -0.91 -5.45
C ARG A 101 17.09 -0.58 -6.19
N ARG A 102 17.06 0.56 -6.87
CA ARG A 102 15.96 0.89 -7.76
C ARG A 102 15.72 -0.17 -8.82
N TYR A 103 16.75 -0.53 -9.58
CA TYR A 103 16.59 -1.51 -10.66
C TYR A 103 16.28 -2.90 -10.10
N ALA A 104 16.94 -3.28 -9.00
CA ALA A 104 16.55 -4.51 -8.30
C ALA A 104 15.06 -4.49 -7.88
N GLY A 105 14.63 -3.37 -7.31
CA GLY A 105 13.28 -3.25 -6.77
C GLY A 105 12.25 -3.37 -7.86
N MET A 106 12.51 -2.78 -9.00
CA MET A 106 11.63 -2.90 -10.15
C MET A 106 11.51 -4.35 -10.61
N ALA A 107 12.62 -5.05 -10.72
CA ALA A 107 12.59 -6.48 -11.06
C ALA A 107 11.76 -7.29 -10.08
N LEU A 108 11.93 -7.02 -8.78
CA LEU A 108 11.16 -7.70 -7.75
C LEU A 108 9.68 -7.37 -7.85
N THR A 109 9.34 -6.14 -8.19
CA THR A 109 7.96 -5.77 -8.45
C THR A 109 7.42 -6.66 -9.56
N ASN A 110 8.11 -6.70 -10.69
CA ASN A 110 7.60 -7.43 -11.84
C ASN A 110 7.52 -8.91 -11.54
N LEU A 111 8.53 -9.44 -10.86
CA LEU A 111 8.61 -10.85 -10.55
C LEU A 111 7.59 -11.34 -9.52
N THR A 112 7.08 -10.44 -8.67
CA THR A 112 6.10 -10.79 -7.63
C THR A 112 4.66 -10.63 -8.11
N PHE A 113 4.45 -9.93 -9.22
CA PHE A 113 3.13 -9.75 -9.81
C PHE A 113 2.45 -11.09 -10.12
N GLY A 114 1.43 -11.42 -9.34
CA GLY A 114 0.58 -12.61 -9.58
C GLY A 114 1.29 -13.93 -9.34
N ASP A 115 2.42 -13.92 -8.63
CA ASP A 115 3.25 -15.12 -8.46
C ASP A 115 3.27 -15.56 -6.99
N VAL A 116 2.47 -16.58 -6.70
CA VAL A 116 2.32 -17.13 -5.35
C VAL A 116 3.68 -17.45 -4.73
N ALA A 117 4.51 -18.17 -5.48
CA ALA A 117 5.78 -18.67 -4.94
C ALA A 117 6.76 -17.54 -4.71
N ASN A 118 6.80 -16.58 -5.63
CA ASN A 118 7.72 -15.47 -5.50
C ASN A 118 7.43 -14.57 -4.31
N LYS A 119 6.13 -14.37 -4.05
CA LYS A 119 5.70 -13.51 -2.95
C LYS A 119 6.03 -14.15 -1.65
N ALA A 120 5.76 -15.47 -1.57
CA ALA A 120 6.04 -16.23 -0.36
C ALA A 120 7.53 -16.31 -0.10
N THR A 121 8.33 -16.54 -1.14
CA THR A 121 9.79 -16.53 -0.97
C THR A 121 10.34 -15.20 -0.46
N LEU A 122 9.89 -14.11 -1.06
CA LEU A 122 10.39 -12.81 -0.69
C LEU A 122 9.96 -12.47 0.74
N CYS A 123 8.72 -12.80 1.10
CA CYS A 123 8.28 -12.54 2.50
C CYS A 123 8.95 -13.44 3.54
N SER A 124 9.40 -14.64 3.14
CA SER A 124 10.17 -15.48 4.05
C SER A 124 11.61 -14.96 4.22
N MET A 125 12.05 -14.03 3.37
CA MET A 125 13.38 -13.45 3.48
C MET A 125 13.35 -12.24 4.40
N LYS A 126 13.45 -12.50 5.71
CA LYS A 126 13.18 -11.51 6.75
C LYS A 126 14.13 -10.34 6.67
N GLY A 127 15.42 -10.65 6.55
CA GLY A 127 16.47 -9.63 6.35
C GLY A 127 16.19 -8.77 5.12
N CYS A 128 15.77 -9.42 4.04
CA CYS A 128 15.45 -8.66 2.82
C CYS A 128 14.21 -7.83 3.05
N MET A 129 13.25 -8.37 3.80
CA MET A 129 12.05 -7.60 4.13
C MET A 129 12.36 -6.34 4.96
N ARG A 130 13.22 -6.48 5.99
CA ARG A 130 13.61 -5.32 6.79
C ARG A 130 14.35 -4.30 5.95
N ALA A 131 15.15 -4.78 4.99
CA ALA A 131 15.92 -3.89 4.11
C ALA A 131 15.02 -3.08 3.19
N LEU A 132 13.97 -3.73 2.67
CA LEU A 132 12.98 -3.04 1.85
C LEU A 132 12.29 -1.94 2.65
N VAL A 133 11.86 -2.28 3.86
CA VAL A 133 11.15 -1.31 4.67
C VAL A 133 12.07 -0.12 4.92
N ALA A 134 13.34 -0.38 5.25
CA ALA A 134 14.30 0.70 5.49
C ALA A 134 14.46 1.69 4.31
N GLN A 135 14.27 1.22 3.08
CA GLN A 135 14.38 2.08 1.91
C GLN A 135 13.27 3.09 1.75
N LEU A 136 12.17 2.94 2.49
CA LEU A 136 11.12 3.98 2.51
C LEU A 136 11.61 5.36 3.06
N LYS A 137 12.75 5.38 3.74
CA LYS A 137 13.39 6.60 4.19
C LYS A 137 14.50 7.08 3.23
N SER A 138 14.68 6.44 2.08
CA SER A 138 15.76 6.81 1.16
C SER A 138 15.62 8.23 0.70
N GLU A 139 16.77 8.89 0.50
CA GLU A 139 16.85 10.22 -0.14
C GLU A 139 16.25 10.25 -1.57
N SER A 140 16.29 9.11 -2.26
CA SER A 140 15.61 8.97 -3.55
C SER A 140 14.14 8.66 -3.31
N GLU A 141 13.28 9.64 -3.50
CA GLU A 141 11.85 9.39 -3.45
C GLU A 141 11.45 8.39 -4.54
N ASP A 142 12.12 8.42 -5.69
CA ASP A 142 11.81 7.44 -6.70
C ASP A 142 12.05 6.01 -6.14
N LEU A 143 13.13 5.84 -5.38
CA LEU A 143 13.38 4.54 -4.75
C LEU A 143 12.24 4.13 -3.79
N GLN A 144 11.73 5.09 -3.03
CA GLN A 144 10.58 4.85 -2.18
C GLN A 144 9.39 4.28 -2.96
N GLN A 145 9.07 4.87 -4.11
CA GLN A 145 7.98 4.42 -4.96
C GLN A 145 8.23 2.98 -5.42
N VAL A 146 9.49 2.67 -5.72
CA VAL A 146 9.87 1.35 -6.18
C VAL A 146 9.64 0.36 -5.05
N ILE A 147 10.14 0.63 -3.85
CA ILE A 147 9.88 -0.25 -2.70
C ILE A 147 8.38 -0.39 -2.38
N ALA A 148 7.64 0.69 -2.44
CA ALA A 148 6.19 0.59 -2.16
C ALA A 148 5.48 -0.30 -3.19
N SER A 149 5.94 -0.27 -4.44
CA SER A 149 5.40 -1.15 -5.48
C SER A 149 5.64 -2.65 -5.14
N VAL A 150 6.80 -2.96 -4.56
CA VAL A 150 7.11 -4.32 -4.17
C VAL A 150 6.15 -4.70 -3.05
N LEU A 151 6.12 -3.86 -2.01
CA LEU A 151 5.28 -4.12 -0.86
C LEU A 151 3.81 -4.20 -1.23
N ARG A 152 3.37 -3.44 -2.22
CA ARG A 152 1.99 -3.55 -2.71
C ARG A 152 1.66 -4.97 -3.17
N ASN A 153 2.51 -5.52 -4.05
CA ASN A 153 2.33 -6.87 -4.59
C ASN A 153 2.42 -7.94 -3.51
N LEU A 154 3.42 -7.82 -2.63
CA LEU A 154 3.59 -8.74 -1.53
C LEU A 154 2.39 -8.77 -0.60
N SER A 155 1.73 -7.62 -0.44
CA SER A 155 0.58 -7.53 0.46
C SER A 155 -0.74 -7.96 -0.20
N TRP A 156 -0.75 -8.23 -1.50
CA TRP A 156 -1.97 -8.68 -2.18
C TRP A 156 -2.03 -10.18 -2.11
N ARG A 157 -3.14 -10.71 -1.57
CA ARG A 157 -3.37 -12.14 -1.41
C ARG A 157 -2.21 -12.83 -0.70
N ALA A 158 -1.75 -12.20 0.37
CA ALA A 158 -0.59 -12.70 1.13
C ALA A 158 -1.06 -13.87 1.97
N ASP A 159 -0.26 -14.93 2.08
CA ASP A 159 -0.63 -16.08 2.96
C ASP A 159 -0.42 -15.71 4.40
N VAL A 160 -0.79 -16.60 5.32
CA VAL A 160 -0.65 -16.28 6.76
C VAL A 160 0.77 -15.87 7.17
N ASN A 161 1.79 -16.58 6.69
CA ASN A 161 3.18 -16.28 7.13
C ASN A 161 3.64 -14.94 6.60
N SER A 162 3.31 -14.68 5.34
CA SER A 162 3.62 -13.39 4.71
C SER A 162 2.96 -12.20 5.41
N LYS A 163 1.68 -12.33 5.78
CA LYS A 163 0.96 -11.27 6.51
C LYS A 163 1.66 -10.95 7.81
N LYS A 164 2.06 -11.99 8.51
CA LYS A 164 2.72 -11.87 9.80
C LYS A 164 4.06 -11.15 9.65
N THR A 165 4.84 -11.51 8.64
CA THR A 165 6.14 -10.89 8.42
C THR A 165 5.99 -9.43 7.99
N LEU A 166 5.08 -9.16 7.05
CA LEU A 166 4.77 -7.77 6.63
C LEU A 166 4.42 -6.91 7.84
N ARG A 167 3.67 -7.45 8.78
CA ARG A 167 3.36 -6.69 10.00
C ARG A 167 4.59 -6.54 10.90
N GLU A 168 5.28 -7.64 11.15
N GLU A 168 5.28 -7.66 11.16
CA GLU A 168 6.33 -7.67 12.16
CA GLU A 168 6.35 -7.68 12.17
C GLU A 168 7.57 -6.85 11.78
C GLU A 168 7.55 -6.81 11.78
N VAL A 169 7.79 -6.61 10.49
CA VAL A 169 8.89 -5.70 10.04
C VAL A 169 8.47 -4.24 9.95
N GLY A 170 7.30 -3.89 10.49
CA GLY A 170 6.88 -2.51 10.56
C GLY A 170 6.50 -1.87 9.24
N SER A 171 6.06 -2.66 8.26
CA SER A 171 5.79 -2.08 6.92
C SER A 171 4.70 -1.00 6.94
N VAL A 172 3.71 -1.14 7.82
CA VAL A 172 2.55 -0.27 7.82
C VAL A 172 2.86 1.12 8.33
N LYS A 173 3.48 1.18 9.50
CA LYS A 173 3.90 2.47 10.06
C LYS A 173 4.90 3.13 9.12
N ALA A 174 5.85 2.35 8.64
CA ALA A 174 6.79 2.82 7.63
C ALA A 174 6.14 3.42 6.37
N LEU A 175 5.17 2.72 5.79
CA LEU A 175 4.46 3.26 4.63
C LEU A 175 3.61 4.52 4.96
N MET A 176 2.95 4.51 6.13
CA MET A 176 2.10 5.65 6.50
C MET A 176 2.93 6.89 6.73
N GLU A 177 4.06 6.73 7.42
CA GLU A 177 4.98 7.84 7.62
C GLU A 177 5.53 8.37 6.31
N CYS A 178 5.87 7.44 5.43
CA CYS A 178 6.36 7.76 4.09
C CYS A 178 5.37 8.62 3.32
N ALA A 179 4.12 8.18 3.30
CA ALA A 179 3.05 8.89 2.62
C ALA A 179 3.01 10.37 3.01
N LEU A 180 3.20 10.67 4.30
CA LEU A 180 3.15 12.05 4.80
C LEU A 180 4.21 12.98 4.21
N GLU A 181 5.36 12.43 3.82
CA GLU A 181 6.50 13.21 3.27
C GLU A 181 6.61 13.21 1.73
N VAL A 182 5.91 12.32 1.03
CA VAL A 182 6.11 12.24 -0.43
C VAL A 182 5.63 13.52 -1.12
N LYS A 183 6.39 13.96 -2.11
CA LYS A 183 6.06 15.13 -2.92
C LYS A 183 5.42 14.79 -4.24
N LYS A 184 5.55 13.56 -4.72
CA LYS A 184 5.10 13.20 -6.07
C LYS A 184 3.95 12.21 -6.05
N GLU A 185 3.07 12.34 -7.03
CA GLU A 185 1.83 11.56 -7.13
C GLU A 185 2.10 10.08 -7.41
N SER A 186 3.10 9.80 -8.25
CA SER A 186 3.48 8.43 -8.53
C SER A 186 3.95 7.72 -7.25
N THR A 187 4.77 8.35 -6.43
CA THR A 187 5.13 7.76 -5.13
C THR A 187 3.89 7.57 -4.25
N LEU A 188 3.06 8.59 -4.12
CA LEU A 188 1.84 8.50 -3.28
C LEU A 188 0.92 7.35 -3.70
N LYS A 189 0.80 7.14 -5.01
CA LYS A 189 -0.04 6.07 -5.54
C LYS A 189 0.45 4.70 -5.12
N SER A 190 1.74 4.45 -5.22
CA SER A 190 2.28 3.14 -4.87
C SER A 190 2.23 2.94 -3.36
N VAL A 191 2.50 4.00 -2.61
CA VAL A 191 2.48 3.95 -1.15
C VAL A 191 1.06 3.69 -0.63
N LEU A 192 0.08 4.43 -1.13
CA LEU A 192 -1.32 4.22 -0.69
C LEU A 192 -1.88 2.86 -1.13
N SER A 193 -1.49 2.38 -2.30
CA SER A 193 -1.94 1.09 -2.79
C SER A 193 -1.49 -0.06 -1.90
N ALA A 194 -0.22 -0.03 -1.49
CA ALA A 194 0.29 -0.96 -0.50
C ALA A 194 -0.42 -0.85 0.86
N LEU A 195 -0.60 0.37 1.34
CA LEU A 195 -1.37 0.59 2.57
C LEU A 195 -2.79 0.05 2.49
N TRP A 196 -3.43 0.26 1.35
CA TRP A 196 -4.79 -0.23 1.17
C TRP A 196 -4.82 -1.74 1.35
N ASN A 197 -3.88 -2.46 0.74
CA ASN A 197 -3.79 -3.93 0.84
C ASN A 197 -3.48 -4.37 2.24
N LEU A 198 -2.44 -3.77 2.82
CA LEU A 198 -2.07 -4.06 4.21
C LEU A 198 -3.15 -3.76 5.24
N SER A 199 -3.95 -2.73 5.01
CA SER A 199 -5.02 -2.34 5.96
C SER A 199 -6.15 -3.36 6.02
N ALA A 200 -6.21 -4.25 5.05
CA ALA A 200 -7.15 -5.37 5.06
C ALA A 200 -6.67 -6.63 5.80
N HIS A 201 -5.40 -6.67 6.22
CA HIS A 201 -4.86 -7.94 6.70
C HIS A 201 -5.35 -8.26 8.10
N CYS A 202 -5.41 -7.25 8.96
CA CYS A 202 -5.70 -7.47 10.35
C CYS A 202 -5.93 -6.15 11.05
N THR A 203 -6.32 -6.27 12.30
CA THR A 203 -6.73 -5.17 13.14
C THR A 203 -5.57 -4.37 13.68
N GLU A 204 -4.44 -5.01 13.90
CA GLU A 204 -3.24 -4.31 14.35
C GLU A 204 -2.75 -3.35 13.27
N ASN A 205 -2.77 -3.80 12.01
CA ASN A 205 -2.44 -2.92 10.88
C ASN A 205 -3.34 -1.67 10.84
N LYS A 206 -4.64 -1.87 11.06
CA LYS A 206 -5.60 -0.72 11.11
C LYS A 206 -5.22 0.24 12.20
N ALA A 207 -5.05 -0.30 13.41
CA ALA A 207 -4.61 0.47 14.57
C ALA A 207 -3.31 1.25 14.31
N ASP A 208 -2.32 0.60 13.69
CA ASP A 208 -1.02 1.26 13.44
C ASP A 208 -1.13 2.41 12.46
N ILE A 209 -2.08 2.32 11.52
CA ILE A 209 -2.32 3.40 10.56
C ILE A 209 -2.89 4.61 11.29
N CYS A 210 -3.93 4.37 12.07
CA CYS A 210 -4.60 5.41 12.83
C CYS A 210 -3.69 6.04 13.87
N ALA A 211 -2.74 5.27 14.43
CA ALA A 211 -1.77 5.79 15.45
C ALA A 211 -0.67 6.73 14.95
N VAL A 212 -0.48 6.85 13.66
CA VAL A 212 0.53 7.74 13.08
C VAL A 212 -0.04 9.15 13.06
N ASP A 213 0.67 10.09 13.69
N ASP A 213 0.66 10.09 13.69
CA ASP A 213 0.19 11.47 13.86
CA ASP A 213 0.17 11.45 13.86
C ASP A 213 0.00 12.16 12.50
C ASP A 213 0.00 12.17 12.51
N GLY A 214 -1.21 12.65 12.24
CA GLY A 214 -1.52 13.33 10.97
C GLY A 214 -2.01 12.43 9.86
N ALA A 215 -2.09 11.11 10.09
CA ALA A 215 -2.43 10.13 9.07
C ALA A 215 -3.90 10.22 8.69
N LEU A 216 -4.78 10.27 9.68
CA LEU A 216 -6.21 10.39 9.40
C LEU A 216 -6.53 11.67 8.63
N ALA A 217 -5.97 12.81 9.03
CA ALA A 217 -6.22 14.06 8.31
C ALA A 217 -5.72 13.90 6.88
N PHE A 218 -4.52 13.36 6.74
CA PHE A 218 -3.96 13.12 5.43
C PHE A 218 -4.84 12.23 4.58
N LEU A 219 -5.30 11.10 5.12
CA LEU A 219 -6.17 10.23 4.33
C LEU A 219 -7.47 10.94 3.94
N VAL A 220 -8.06 11.70 4.85
CA VAL A 220 -9.21 12.49 4.48
C VAL A 220 -8.92 13.41 3.28
N GLY A 221 -7.75 14.05 3.28
CA GLY A 221 -7.34 14.89 2.14
C GLY A 221 -7.23 14.17 0.80
N THR A 222 -6.84 12.89 0.81
CA THR A 222 -6.79 12.05 -0.42
C THR A 222 -8.18 11.83 -1.04
N LEU A 223 -9.25 11.96 -0.25
CA LEU A 223 -10.62 11.81 -0.74
C LEU A 223 -11.05 12.86 -1.76
N THR A 224 -10.36 14.01 -1.77
CA THR A 224 -10.62 15.08 -2.75
C THR A 224 -9.38 15.39 -3.57
N TYR A 225 -8.45 14.44 -3.67
CA TYR A 225 -7.24 14.69 -4.45
C TYR A 225 -7.56 15.05 -5.90
N ARG A 226 -6.82 16.02 -6.43
CA ARG A 226 -6.98 16.49 -7.80
C ARG A 226 -5.83 15.93 -8.61
N SER A 227 -6.07 14.78 -9.23
CA SER A 227 -5.05 14.10 -10.05
C SER A 227 -4.91 14.81 -11.39
N GLN A 228 -3.71 15.28 -11.70
CA GLN A 228 -3.44 15.88 -13.03
C GLN A 228 -3.26 14.85 -14.15
N THR A 229 -3.33 13.56 -13.84
CA THR A 229 -3.35 12.48 -14.84
C THR A 229 -4.76 11.95 -15.16
N ASN A 230 -5.81 12.67 -14.73
CA ASN A 230 -7.24 12.26 -14.94
C ASN A 230 -7.59 10.85 -14.40
N THR A 231 -7.06 10.52 -13.21
CA THR A 231 -7.26 9.22 -12.57
C THR A 231 -7.82 9.33 -11.15
N LEU A 232 -8.46 8.24 -10.73
CA LEU A 232 -9.10 8.14 -9.44
C LEU A 232 -8.28 7.32 -8.44
N ALA A 233 -7.06 6.93 -8.82
CA ALA A 233 -6.26 5.99 -8.05
C ALA A 233 -6.04 6.42 -6.61
N ILE A 234 -5.73 7.71 -6.42
CA ILE A 234 -5.44 8.24 -5.09
C ILE A 234 -6.71 8.21 -4.22
N ILE A 235 -7.83 8.71 -4.77
CA ILE A 235 -9.12 8.74 -4.06
C ILE A 235 -9.57 7.30 -3.71
N GLU A 236 -9.39 6.38 -4.65
CA GLU A 236 -9.71 4.97 -4.43
C GLU A 236 -8.90 4.36 -3.29
N SER A 237 -7.58 4.52 -3.34
CA SER A 237 -6.72 3.87 -2.34
C SER A 237 -6.82 4.56 -1.02
N GLY A 238 -6.91 5.87 -1.03
CA GLY A 238 -7.13 6.63 0.20
C GLY A 238 -8.46 6.32 0.87
N GLY A 239 -9.53 6.37 0.09
CA GLY A 239 -10.84 5.97 0.57
C GLY A 239 -10.90 4.51 0.97
N GLY A 240 -10.08 3.65 0.35
CA GLY A 240 -10.03 2.22 0.69
C GLY A 240 -9.39 2.00 2.03
N ILE A 241 -8.30 2.73 2.28
CA ILE A 241 -7.63 2.67 3.56
C ILE A 241 -8.61 3.16 4.62
N LEU A 242 -9.24 4.30 4.35
CA LEU A 242 -10.19 4.88 5.28
C LEU A 242 -11.34 3.94 5.60
N ARG A 243 -11.89 3.29 4.58
CA ARG A 243 -12.95 2.32 4.80
C ARG A 243 -12.46 1.17 5.71
N ASN A 244 -11.27 0.66 5.42
CA ASN A 244 -10.70 -0.44 6.23
C ASN A 244 -10.40 -0.03 7.68
N VAL A 245 -10.00 1.21 7.92
CA VAL A 245 -9.74 1.64 9.30
C VAL A 245 -10.96 2.27 10.01
N SER A 246 -12.07 2.43 9.30
CA SER A 246 -13.26 3.08 9.84
C SER A 246 -13.92 2.35 11.00
N SER A 247 -13.77 1.02 11.05
CA SER A 247 -14.26 0.22 12.19
C SER A 247 -13.64 0.70 13.51
N LEU A 248 -12.33 0.93 13.50
CA LEU A 248 -11.64 1.44 14.68
C LEU A 248 -11.91 2.92 14.91
N ILE A 249 -11.90 3.72 13.85
CA ILE A 249 -12.20 5.16 13.99
C ILE A 249 -13.53 5.36 14.70
N ALA A 250 -14.57 4.59 14.32
CA ALA A 250 -15.89 4.66 15.01
C ALA A 250 -15.86 4.53 16.52
N THR A 251 -14.83 3.87 17.07
CA THR A 251 -14.66 3.69 18.52
C THR A 251 -13.92 4.82 19.20
N ASN A 252 -13.40 5.76 18.44
CA ASN A 252 -12.50 6.75 19.00
C ASN A 252 -13.03 8.13 18.64
N GLU A 253 -13.47 8.87 19.65
CA GLU A 253 -14.07 10.20 19.43
C GLU A 253 -13.06 11.23 18.89
N ASP A 254 -11.81 11.21 19.33
CA ASP A 254 -10.79 12.11 18.75
C ASP A 254 -10.60 11.90 17.24
N HIS A 255 -10.64 10.64 16.83
CA HIS A 255 -10.44 10.30 15.44
C HIS A 255 -11.65 10.65 14.63
N ARG A 256 -12.86 10.50 15.18
CA ARG A 256 -14.04 10.92 14.46
C ARG A 256 -13.98 12.44 14.19
N GLN A 257 -13.46 13.17 15.16
CA GLN A 257 -13.43 14.60 15.16
C GLN A 257 -12.48 15.09 14.09
N ILE A 258 -11.34 14.44 13.95
CA ILE A 258 -10.40 14.72 12.84
C ILE A 258 -11.11 14.60 11.50
N LEU A 259 -11.87 13.53 11.33
CA LEU A 259 -12.64 13.35 10.09
C LEU A 259 -13.65 14.50 9.87
N ARG A 260 -14.40 14.83 10.92
CA ARG A 260 -15.41 15.87 10.84
C ARG A 260 -14.83 17.18 10.36
N GLU A 261 -13.76 17.60 11.00
CA GLU A 261 -13.15 18.89 10.73
C GLU A 261 -12.23 18.93 9.51
N ASN A 262 -12.12 17.82 8.79
CA ASN A 262 -11.59 17.82 7.44
C ASN A 262 -12.69 17.47 6.43
N ASN A 263 -13.95 17.72 6.81
CA ASN A 263 -15.11 17.59 5.92
C ASN A 263 -15.28 16.17 5.33
N CYS A 264 -15.01 15.15 6.14
CA CYS A 264 -15.04 13.78 5.64
C CYS A 264 -16.46 13.36 5.26
N LEU A 265 -17.42 13.70 6.10
CA LEU A 265 -18.78 13.20 5.93
C LEU A 265 -19.45 13.67 4.65
N GLN A 266 -19.34 14.96 4.35
N GLN A 266 -19.36 14.97 4.34
CA GLN A 266 -19.89 15.53 3.11
CA GLN A 266 -19.94 15.48 3.10
C GLN A 266 -19.22 14.89 1.89
C GLN A 266 -19.22 14.90 1.87
N THR A 267 -17.90 14.78 1.94
CA THR A 267 -17.13 14.17 0.83
C THR A 267 -17.57 12.73 0.56
N LEU A 268 -17.74 11.94 1.63
CA LEU A 268 -18.25 10.57 1.51
C LEU A 268 -19.63 10.50 0.86
N LEU A 269 -20.54 11.42 1.23
CA LEU A 269 -21.82 11.49 0.54
C LEU A 269 -21.68 11.78 -0.97
N GLN A 270 -20.78 12.69 -1.32
N GLN A 270 -20.79 12.71 -1.32
CA GLN A 270 -20.47 12.98 -2.72
CA GLN A 270 -20.46 12.99 -2.73
C GLN A 270 -19.85 11.78 -3.45
C GLN A 270 -19.86 11.77 -3.44
N HIS A 271 -19.04 10.99 -2.74
CA HIS A 271 -18.52 9.72 -3.28
C HIS A 271 -19.58 8.73 -3.71
N LEU A 272 -20.73 8.75 -3.03
CA LEU A 272 -21.87 7.87 -3.40
C LEU A 272 -22.35 7.98 -4.85
N LYS A 273 -22.02 9.09 -5.53
CA LYS A 273 -22.42 9.37 -6.90
C LYS A 273 -21.33 9.08 -7.91
N SER A 274 -20.20 8.54 -7.46
CA SER A 274 -19.08 8.29 -8.35
C SER A 274 -19.41 7.20 -9.40
N HIS A 275 -18.88 7.36 -10.62
CA HIS A 275 -18.90 6.30 -11.63
C HIS A 275 -18.05 5.08 -11.18
N SER A 276 -17.05 5.32 -10.32
CA SER A 276 -16.26 4.23 -9.73
C SER A 276 -17.02 3.48 -8.64
N LEU A 277 -17.30 2.20 -8.89
CA LEU A 277 -17.88 1.34 -7.87
C LEU A 277 -16.99 1.18 -6.63
N THR A 278 -15.68 1.14 -6.87
CA THR A 278 -14.70 1.15 -5.79
C THR A 278 -14.94 2.32 -4.85
N ILE A 279 -14.99 3.54 -5.37
CA ILE A 279 -15.24 4.73 -4.52
C ILE A 279 -16.59 4.63 -3.77
N VAL A 280 -17.63 4.19 -4.48
CA VAL A 280 -18.97 4.11 -3.87
C VAL A 280 -18.94 3.04 -2.78
N SER A 281 -18.32 1.89 -3.06
CA SER A 281 -18.19 0.83 -2.08
C SER A 281 -17.39 1.30 -0.85
N ASN A 282 -16.22 1.89 -1.06
CA ASN A 282 -15.44 2.46 0.05
C ASN A 282 -16.28 3.41 0.88
N ALA A 283 -17.03 4.29 0.21
CA ALA A 283 -17.83 5.28 0.94
C ALA A 283 -18.94 4.63 1.75
N CYS A 284 -19.65 3.68 1.13
CA CYS A 284 -20.68 2.91 1.86
C CYS A 284 -20.15 2.19 3.08
N GLY A 285 -18.98 1.58 2.96
CA GLY A 285 -18.34 0.89 4.08
C GLY A 285 -18.00 1.85 5.20
N THR A 286 -17.50 3.01 4.85
CA THR A 286 -17.07 3.99 5.83
C THR A 286 -18.31 4.56 6.54
N LEU A 287 -19.33 4.92 5.76
CA LEU A 287 -20.59 5.46 6.31
C LEU A 287 -21.30 4.44 7.18
N TRP A 288 -21.16 3.16 6.85
CA TRP A 288 -21.73 2.10 7.68
C TRP A 288 -21.17 2.17 9.10
N ASN A 289 -19.85 2.17 9.20
CA ASN A 289 -19.20 2.28 10.50
C ASN A 289 -19.44 3.59 11.25
N LEU A 290 -19.32 4.73 10.58
CA LEU A 290 -19.45 6.04 11.24
C LEU A 290 -20.89 6.39 11.55
N SER A 291 -21.84 5.85 10.82
CA SER A 291 -23.24 6.04 11.19
C SER A 291 -23.66 5.27 12.46
N ALA A 292 -22.78 4.45 13.03
CA ALA A 292 -23.14 3.63 14.18
C ALA A 292 -22.91 4.40 15.48
N ARG A 293 -23.94 4.44 16.32
CA ARG A 293 -23.86 4.89 17.72
C ARG A 293 -23.36 6.32 18.03
N ASN A 294 -23.26 7.22 17.05
CA ASN A 294 -22.83 8.59 17.35
C ASN A 294 -23.97 9.51 16.93
N PRO A 295 -24.73 10.01 17.92
CA PRO A 295 -25.83 10.93 17.67
C PRO A 295 -25.44 12.12 16.79
N LYS A 296 -24.29 12.71 17.05
CA LYS A 296 -23.89 13.90 16.30
C LYS A 296 -23.53 13.60 14.83
N ASP A 297 -22.87 12.49 14.55
CA ASP A 297 -22.58 12.15 13.15
C ASP A 297 -23.84 11.69 12.42
N GLN A 298 -24.71 10.99 13.14
CA GLN A 298 -26.02 10.62 12.59
C GLN A 298 -26.80 11.87 12.22
N GLU A 299 -26.86 12.81 13.14
CA GLU A 299 -27.53 14.08 12.89
C GLU A 299 -26.95 14.84 11.70
N ALA A 300 -25.62 14.93 11.64
CA ALA A 300 -24.92 15.57 10.49
C ALA A 300 -25.29 14.90 9.16
N LEU A 301 -25.34 13.57 9.15
CA LEU A 301 -25.63 12.83 7.95
C LEU A 301 -27.12 13.03 7.53
N TRP A 302 -28.02 13.00 8.50
CA TRP A 302 -29.43 13.36 8.25
C TRP A 302 -29.55 14.75 7.59
N ASP A 303 -28.89 15.73 8.20
CA ASP A 303 -28.90 17.11 7.69
C ASP A 303 -28.36 17.28 6.26
N MET A 304 -27.46 16.41 5.83
CA MET A 304 -26.91 16.47 4.47
C MET A 304 -27.70 15.62 3.47
N GLY A 305 -28.87 15.10 3.88
CA GLY A 305 -29.68 14.24 3.04
C GLY A 305 -29.11 12.84 2.78
N ALA A 306 -28.33 12.31 3.72
CA ALA A 306 -27.76 10.98 3.59
C ALA A 306 -28.80 9.89 3.34
N VAL A 307 -29.97 10.02 3.98
CA VAL A 307 -31.01 8.99 3.93
C VAL A 307 -31.46 8.71 2.51
N SER A 308 -31.92 9.71 1.77
CA SER A 308 -32.30 9.48 0.37
C SER A 308 -31.10 9.06 -0.47
N MET A 309 -29.90 9.59 -0.15
CA MET A 309 -28.70 9.20 -0.91
C MET A 309 -28.39 7.72 -0.79
N LEU A 310 -28.45 7.21 0.44
CA LEU A 310 -28.18 5.80 0.71
C LEU A 310 -29.30 4.88 0.22
N LYS A 311 -30.54 5.38 0.27
CA LYS A 311 -31.71 4.62 -0.19
C LYS A 311 -31.60 4.26 -1.68
N ASN A 312 -31.08 5.20 -2.47
CA ASN A 312 -30.78 5.00 -3.88
C ASN A 312 -29.82 3.84 -4.23
N LEU A 313 -29.08 3.31 -3.25
CA LEU A 313 -28.06 2.28 -3.50
C LEU A 313 -28.40 0.86 -2.98
N ILE A 314 -29.50 0.72 -2.24
CA ILE A 314 -29.84 -0.55 -1.59
C ILE A 314 -30.10 -1.70 -2.58
N HIS A 315 -30.48 -1.37 -3.82
CA HIS A 315 -30.68 -2.38 -4.86
C HIS A 315 -29.50 -2.52 -5.79
N SER A 316 -28.32 -2.05 -5.40
CA SER A 316 -27.12 -2.29 -6.20
C SER A 316 -26.85 -3.79 -6.40
N LYS A 317 -26.46 -4.11 -7.62
CA LYS A 317 -25.79 -5.37 -7.96
C LYS A 317 -24.57 -5.69 -7.07
N HIS A 318 -23.79 -4.67 -6.75
CA HIS A 318 -22.51 -4.84 -6.04
C HIS A 318 -22.85 -5.12 -4.56
N LYS A 319 -22.43 -6.27 -4.06
CA LYS A 319 -22.85 -6.78 -2.75
C LYS A 319 -22.45 -5.86 -1.61
N MET A 320 -21.21 -5.36 -1.64
CA MET A 320 -20.79 -4.44 -0.59
C MET A 320 -21.50 -3.09 -0.64
N ILE A 321 -21.93 -2.61 -1.80
CA ILE A 321 -22.65 -1.33 -1.87
C ILE A 321 -24.05 -1.56 -1.32
N ALA A 322 -24.65 -2.68 -1.71
CA ALA A 322 -26.00 -3.00 -1.28
C ALA A 322 -26.05 -3.22 0.22
N MET A 323 -25.11 -3.97 0.78
CA MET A 323 -25.15 -4.22 2.25
C MET A 323 -24.71 -2.98 3.05
N GLY A 324 -23.68 -2.30 2.58
CA GLY A 324 -23.21 -1.10 3.28
C GLY A 324 -24.23 0.03 3.33
N SER A 325 -24.81 0.34 2.17
CA SER A 325 -25.85 1.37 2.06
C SER A 325 -27.06 1.03 2.93
N ALA A 326 -27.49 -0.22 2.92
CA ALA A 326 -28.62 -0.64 3.75
C ALA A 326 -28.27 -0.60 5.25
N ALA A 327 -27.06 -1.00 5.61
CA ALA A 327 -26.65 -0.98 7.01
C ALA A 327 -26.58 0.46 7.55
N ALA A 328 -25.96 1.36 6.78
CA ALA A 328 -25.88 2.79 7.15
C ALA A 328 -27.27 3.41 7.24
N LEU A 329 -28.12 3.07 6.27
CA LEU A 329 -29.50 3.53 6.25
C LEU A 329 -30.22 3.09 7.52
N ARG A 330 -30.06 1.82 7.90
CA ARG A 330 -30.70 1.34 9.13
C ARG A 330 -30.22 2.10 10.33
N ASN A 331 -28.93 2.41 10.40
CA ASN A 331 -28.41 3.18 11.52
C ASN A 331 -29.02 4.57 11.59
N LEU A 332 -29.23 5.19 10.43
CA LEU A 332 -29.85 6.50 10.40
C LEU A 332 -31.34 6.43 10.72
N MET A 333 -32.06 5.50 10.06
CA MET A 333 -33.53 5.38 10.22
C MET A 333 -33.93 5.05 11.66
N ALA A 334 -33.09 4.30 12.36
CA ALA A 334 -33.31 3.96 13.76
C ALA A 334 -32.98 5.08 14.73
N ASN A 335 -32.38 6.17 14.24
CA ASN A 335 -31.96 7.26 15.08
C ASN A 335 -32.32 8.59 14.44
N ARG A 336 -33.60 8.75 14.09
N ARG A 336 -33.60 8.75 14.10
CA ARG A 336 -34.11 10.02 13.60
CA ARG A 336 -34.09 10.02 13.59
C ARG A 336 -33.90 11.07 14.69
C ARG A 336 -33.89 11.07 14.69
N PRO A 337 -33.16 12.16 14.39
CA PRO A 337 -32.89 13.16 15.46
C PRO A 337 -34.15 13.88 15.96
N ALA A 338 -34.12 14.30 17.23
CA ALA A 338 -35.27 14.96 17.88
C ALA A 338 -35.88 16.03 17.00
N LYS A 339 -35.03 16.94 16.51
CA LYS A 339 -35.47 18.06 15.68
C LYS A 339 -36.28 17.64 14.45
N TYR A 340 -36.07 16.44 13.92
CA TYR A 340 -36.84 15.95 12.75
C TYR A 340 -38.28 15.46 13.03
N LYS A 341 -38.71 15.39 14.28
CA LYS A 341 -39.95 14.67 14.61
C LYS A 341 -41.23 15.51 14.37
N ASP A 342 -41.48 15.86 13.09
CA ASP A 342 -42.31 17.01 12.70
C ASP A 342 -41.67 18.29 13.26
N ALA A 343 -41.48 18.32 14.58
CA ALA A 343 -40.30 18.95 15.19
C ALA A 343 -40.08 18.45 16.64
N ASN A 344 -39.10 19.04 17.32
CA ASN A 344 -38.85 18.85 18.76
C ASN A 344 -38.26 17.48 19.03
C1 PHQ B 1 -7.92 -3.11 -4.09
O1 PHQ B 1 -8.34 -2.97 -5.22
O2 PHQ B 1 -8.87 -3.52 -3.13
C2 PHQ B 1 -8.71 -4.77 -2.50
C3 PHQ B 1 -9.16 -4.58 -1.09
C4 PHQ B 1 -8.20 -4.24 -0.15
C5 PHQ B 1 -8.59 -4.05 1.15
C6 PHQ B 1 -9.94 -4.17 1.54
C7 PHQ B 1 -10.90 -4.52 0.59
C8 PHQ B 1 -10.52 -4.72 -0.74
N ALA B 2 -6.68 -2.85 -3.67
CA ALA B 2 -5.70 -2.21 -4.56
C ALA B 2 -5.23 -3.15 -5.67
N GLY B 3 -5.07 -4.43 -5.32
CA GLY B 3 -4.57 -5.40 -6.26
C GLY B 3 -3.08 -5.23 -6.40
N GLU B 4 -2.57 -5.69 -7.53
CA GLU B 4 -1.15 -5.82 -7.77
C GLU B 4 -0.86 -5.34 -9.17
N ALA B 5 0.39 -4.98 -9.44
CA ALA B 5 0.76 -4.55 -10.78
C ALA B 5 2.23 -4.74 -11.09
N LEU B 6 2.53 -4.86 -12.38
CA LEU B 6 3.90 -4.70 -12.88
C LEU B 6 4.35 -3.27 -12.57
N TYR B 7 5.66 -3.06 -12.53
CA TYR B 7 6.20 -1.78 -12.13
C TYR B 7 5.79 -0.72 -13.14
N GLU B 8 5.42 0.47 -12.67
CA GLU B 8 4.97 1.53 -13.58
C GLU B 8 5.53 2.90 -13.21
N NH2 B 9 5.45 3.92 -14.18
S SO4 C . -39.03 7.34 14.24
O1 SO4 C . -40.05 8.41 14.43
O2 SO4 C . -39.60 6.20 13.49
O3 SO4 C . -38.56 6.90 15.58
O4 SO4 C . -37.92 7.88 13.44
C1 PEG D . 17.82 -13.38 7.15
O1 PEG D . 18.83 -12.79 6.33
C2 PEG D . 16.83 -14.09 6.25
O2 PEG D . 15.96 -14.85 7.05
C3 PEG D . 15.03 -15.62 6.29
C4 PEG D . 15.56 -16.95 5.71
O4 PEG D . 14.91 -17.24 4.46
#